data_4XV3
#
_entry.id   4XV3
#
_cell.length_a   51.945
_cell.length_b   105.448
_cell.length_c   111.314
_cell.angle_alpha   90.00
_cell.angle_beta   90.00
_cell.angle_gamma   90.00
#
_symmetry.space_group_name_H-M   'P 21 21 21'
#
loop_
_entity.id
_entity.type
_entity.pdbx_description
1 polymer 'Serine/threonine-protein kinase B-raf'
2 non-polymer "N'-{3-[5-(2-aminopyrimidin-4-yl)-2-tert-butyl-1,3-thiazol-4-yl]-2-fluorophenyl}-N-ethyl-N-methylsulfuric diamide"
3 water water
#
_entity_poly.entity_id   1
_entity_poly.type   'polypeptide(L)'
_entity_poly.pdbx_seq_one_letter_code
;MKKGHHHHHHGSRDAADDWEIPDGQITVGQRIGSGSFGTVYKGKWHGDVAVKMLNVTAPTPQQLQAFKNEVGVLRKTRHV
NILLFMGYSTKPQLAIVTQWCEGSSLYHHLHASETKFEMKKLIDIARQTARGMDYLHAKSIIHRDLKSNNIFLHEDNTVK
IGDFGLATEKSRWSGSHQFEQLSGSILWMAPEVIRMQDSNPYSFQSDVYAFGIVLYELMTGQLPYSNINNRDQIIEMVGR
GSLSPDLSKVRSNCPKRMKRLMAECLKKKRDERPSFPRILAEIEELARELSG
;
_entity_poly.pdbx_strand_id   A,B
#
loop_
_chem_comp.id
_chem_comp.type
_chem_comp.name
_chem_comp.formula
P02 non-polymer 'N'-{3-[5-(2-aminopyrimidin-4-yl)-2-tert-butyl-1,3-thiazol-4-yl]-2-fluorophenyl}-N-ethyl-N-methylsulfuric diamide' 'C20 H25 F N6 O2 S2'
#
# COMPACT_ATOMS: atom_id res chain seq x y z
N ASP A 17 3.50 -19.73 -5.67
CA ASP A 17 2.47 -19.26 -4.77
C ASP A 17 1.19 -18.96 -5.53
N ASP A 18 0.07 -19.46 -5.01
CA ASP A 18 -1.24 -19.18 -5.59
C ASP A 18 -1.93 -18.07 -4.81
N TRP A 19 -2.33 -17.02 -5.53
CA TRP A 19 -3.02 -15.89 -4.90
C TRP A 19 -4.52 -15.98 -5.13
N GLU A 20 -5.03 -17.20 -5.30
CA GLU A 20 -6.45 -17.41 -5.53
C GLU A 20 -7.23 -17.38 -4.22
N ILE A 21 -8.33 -16.64 -4.22
CA ILE A 21 -9.21 -16.56 -3.06
C ILE A 21 -10.39 -17.50 -3.25
N PRO A 22 -10.53 -18.50 -2.35
CA PRO A 22 -11.59 -19.52 -2.41
C PRO A 22 -12.99 -18.93 -2.45
N ASP A 23 -13.93 -19.68 -3.01
CA ASP A 23 -15.32 -19.24 -3.16
C ASP A 23 -15.94 -18.93 -1.80
N GLY A 24 -16.60 -17.79 -1.72
CA GLY A 24 -17.37 -17.42 -0.54
C GLY A 24 -16.65 -16.51 0.44
N GLN A 25 -15.32 -16.42 0.32
CA GLN A 25 -14.53 -15.65 1.27
C GLN A 25 -14.71 -14.15 1.14
N ILE A 26 -15.23 -13.71 0.00
CA ILE A 26 -15.44 -12.29 -0.25
C ILE A 26 -16.92 -11.93 -0.20
N THR A 27 -17.26 -10.93 0.60
CA THR A 27 -18.64 -10.45 0.66
C THR A 27 -18.80 -9.22 -0.22
N VAL A 28 -19.38 -9.40 -1.40
CA VAL A 28 -19.54 -8.33 -2.37
C VAL A 28 -20.61 -7.35 -1.94
N GLY A 29 -20.30 -6.05 -2.01
CA GLY A 29 -21.21 -5.02 -1.57
C GLY A 29 -21.76 -4.17 -2.70
N GLN A 30 -21.69 -2.84 -2.53
CA GLN A 30 -22.30 -1.92 -3.48
C GLN A 30 -21.50 -1.80 -4.78
N ARG A 31 -22.24 -1.72 -5.89
CA ARG A 31 -21.64 -1.49 -7.20
C ARG A 31 -21.09 -0.07 -7.25
N ILE A 32 -19.86 0.07 -7.71
CA ILE A 32 -19.22 1.38 -7.78
C ILE A 32 -19.25 1.93 -9.21
N GLY A 33 -18.80 1.13 -10.15
CA GLY A 33 -18.78 1.52 -11.55
C GLY A 33 -18.64 0.33 -12.47
N SER A 34 -18.75 0.56 -13.77
CA SER A 34 -18.65 -0.50 -14.76
C SER A 34 -17.27 -0.51 -15.41
N GLY A 38 -14.91 -5.06 -16.93
CA GLY A 38 -15.88 -5.68 -16.04
C GLY A 38 -16.61 -4.67 -15.18
N THR A 39 -17.08 -5.11 -14.01
CA THR A 39 -17.79 -4.23 -13.08
C THR A 39 -17.07 -4.18 -11.74
N VAL A 40 -16.96 -2.99 -11.16
CA VAL A 40 -16.22 -2.82 -9.92
C VAL A 40 -17.14 -2.68 -8.70
N TYR A 41 -16.87 -3.50 -7.69
CA TYR A 41 -17.64 -3.48 -6.45
C TYR A 41 -16.73 -3.26 -5.25
N LYS A 42 -17.32 -2.88 -4.12
CA LYS A 42 -16.60 -2.82 -2.85
C LYS A 42 -16.92 -4.07 -2.05
N GLY A 43 -15.89 -4.72 -1.52
CA GLY A 43 -16.08 -5.97 -0.81
C GLY A 43 -15.48 -6.04 0.57
N LYS A 44 -15.75 -7.13 1.27
CA LYS A 44 -15.18 -7.38 2.60
C LYS A 44 -14.28 -8.60 2.57
N TRP A 45 -12.98 -8.39 2.67
CA TRP A 45 -12.03 -9.50 2.75
C TRP A 45 -10.82 -9.09 3.58
N HIS A 46 -10.80 -9.52 4.84
CA HIS A 46 -9.79 -9.10 5.80
C HIS A 46 -9.72 -7.58 5.86
N GLY A 47 -10.87 -6.94 5.81
CA GLY A 47 -10.99 -5.50 5.73
C GLY A 47 -11.69 -5.11 4.45
N ASP A 48 -11.47 -3.88 3.99
CA ASP A 48 -12.11 -3.39 2.78
C ASP A 48 -11.32 -3.78 1.53
N VAL A 49 -12.01 -4.26 0.52
CA VAL A 49 -11.35 -4.59 -0.75
C VAL A 49 -12.16 -4.09 -1.95
N ALA A 50 -11.58 -4.22 -3.13
CA ALA A 50 -12.24 -3.86 -4.37
C ALA A 50 -12.30 -5.09 -5.28
N VAL A 51 -13.47 -5.36 -5.83
CA VAL A 51 -13.65 -6.53 -6.67
C VAL A 51 -14.10 -6.15 -8.08
N LYS A 52 -13.27 -6.48 -9.07
CA LYS A 52 -13.64 -6.25 -10.46
C LYS A 52 -14.19 -7.52 -11.08
N MET A 53 -15.52 -7.61 -11.16
CA MET A 53 -16.18 -8.76 -11.75
C MET A 53 -16.02 -8.73 -13.26
N LEU A 54 -15.24 -9.66 -13.79
CA LEU A 54 -15.10 -9.75 -15.24
C LEU A 54 -16.39 -10.14 -15.93
N ASN A 55 -16.71 -9.40 -16.99
CA ASN A 55 -17.79 -9.74 -17.91
C ASN A 55 -17.66 -11.11 -18.60
N VAL A 56 -17.65 -12.15 -17.77
CA VAL A 56 -17.71 -13.52 -18.26
C VAL A 56 -18.84 -14.28 -17.57
N PRO A 59 -16.97 -19.43 -17.31
CA PRO A 59 -15.62 -19.39 -17.89
C PRO A 59 -15.40 -20.51 -18.88
N THR A 60 -14.57 -20.27 -19.89
CA THR A 60 -14.15 -21.32 -20.79
C THR A 60 -12.69 -21.64 -20.54
N PRO A 61 -12.33 -22.95 -20.56
CA PRO A 61 -10.95 -23.39 -20.35
C PRO A 61 -9.96 -22.68 -21.28
N GLN A 62 -10.46 -22.17 -22.40
CA GLN A 62 -9.63 -21.35 -23.29
C GLN A 62 -9.44 -19.96 -22.70
N GLN A 63 -10.48 -19.44 -22.07
CA GLN A 63 -10.43 -18.14 -21.43
C GLN A 63 -9.83 -18.25 -20.03
N LEU A 64 -9.93 -19.44 -19.44
CA LEU A 64 -9.40 -19.70 -18.10
C LEU A 64 -7.92 -19.37 -18.01
N GLN A 65 -7.15 -19.84 -18.99
CA GLN A 65 -5.73 -19.57 -19.04
C GLN A 65 -5.45 -18.16 -19.56
N ALA A 66 -6.42 -17.61 -20.27
CA ALA A 66 -6.32 -16.24 -20.76
C ALA A 66 -6.44 -15.25 -19.60
N PHE A 67 -7.10 -15.68 -18.54
CA PHE A 67 -7.30 -14.86 -17.35
C PHE A 67 -6.03 -14.82 -16.51
N LYS A 68 -5.36 -15.97 -16.39
CA LYS A 68 -4.17 -16.09 -15.55
C LYS A 68 -2.99 -15.30 -16.10
N ASN A 69 -2.91 -15.19 -17.43
CA ASN A 69 -1.85 -14.41 -18.07
C ASN A 69 -1.88 -12.96 -17.59
N GLU A 70 -3.08 -12.40 -17.54
CA GLU A 70 -3.27 -11.01 -17.14
C GLU A 70 -3.05 -10.84 -15.64
N VAL A 71 -3.18 -11.93 -14.89
CA VAL A 71 -2.98 -11.90 -13.44
C VAL A 71 -1.51 -12.08 -13.10
N GLY A 72 -0.85 -12.99 -13.80
CA GLY A 72 0.57 -13.23 -13.63
C GLY A 72 1.44 -12.05 -14.06
N VAL A 73 0.78 -10.95 -14.40
CA VAL A 73 1.45 -9.69 -14.73
C VAL A 73 1.21 -8.69 -13.59
N LEU A 74 0.00 -8.71 -13.05
CA LEU A 74 -0.33 -7.90 -11.88
C LEU A 74 0.43 -8.47 -10.68
N ARG A 75 0.81 -9.74 -10.79
CA ARG A 75 1.47 -10.46 -9.71
C ARG A 75 2.87 -9.90 -9.44
N LYS A 76 3.43 -9.16 -10.39
CA LYS A 76 4.76 -8.60 -10.24
C LYS A 76 4.75 -7.09 -10.02
N THR A 77 3.71 -6.61 -9.33
CA THR A 77 3.62 -5.20 -8.97
C THR A 77 3.62 -5.02 -7.45
N ARG A 78 4.78 -4.69 -6.90
CA ARG A 78 4.89 -4.35 -5.48
C ARG A 78 5.44 -2.94 -5.31
N HIS A 79 4.56 -1.95 -5.42
CA HIS A 79 4.94 -0.55 -5.35
C HIS A 79 3.80 0.27 -4.73
N VAL A 80 4.17 1.32 -4.01
CA VAL A 80 3.22 2.13 -3.26
C VAL A 80 2.29 2.96 -4.18
N ASN A 81 2.79 3.32 -5.36
CA ASN A 81 2.02 4.15 -6.27
C ASN A 81 1.21 3.34 -7.29
N ILE A 82 1.44 2.04 -7.32
CA ILE A 82 0.63 1.16 -8.12
C ILE A 82 -0.45 0.56 -7.22
N LEU A 83 -1.69 0.51 -7.72
CA LEU A 83 -2.79 -0.08 -6.97
C LEU A 83 -2.40 -1.49 -6.49
N LEU A 84 -2.58 -1.73 -5.20
CA LEU A 84 -2.18 -3.01 -4.60
C LEU A 84 -3.07 -4.17 -5.05
N PHE A 85 -2.50 -5.04 -5.89
CA PHE A 85 -3.16 -6.28 -6.28
C PHE A 85 -3.13 -7.25 -5.10
N MET A 86 -4.29 -7.74 -4.69
CA MET A 86 -4.38 -8.57 -3.50
C MET A 86 -4.66 -10.04 -3.81
N GLY A 87 -5.37 -10.30 -4.90
CA GLY A 87 -5.66 -11.67 -5.29
C GLY A 87 -6.69 -11.76 -6.41
N TYR A 88 -7.08 -12.99 -6.76
CA TYR A 88 -8.06 -13.20 -7.80
C TYR A 88 -9.04 -14.32 -7.47
N SER A 89 -10.17 -14.33 -8.17
CA SER A 89 -11.21 -15.31 -7.93
C SER A 89 -11.60 -16.03 -9.22
N THR A 90 -11.98 -17.30 -9.09
CA THR A 90 -12.42 -18.09 -10.22
C THR A 90 -13.89 -18.48 -10.03
N LYS A 91 -14.28 -18.66 -8.77
CA LYS A 91 -15.65 -18.97 -8.41
C LYS A 91 -16.22 -17.91 -7.48
N PRO A 92 -17.48 -17.48 -7.71
CA PRO A 92 -18.38 -17.92 -8.80
C PRO A 92 -17.92 -17.49 -10.20
N GLN A 93 -17.60 -16.21 -10.40
CA GLN A 93 -17.10 -15.74 -11.69
C GLN A 93 -15.72 -15.13 -11.55
N LEU A 94 -15.08 -14.86 -12.70
CA LEU A 94 -13.73 -14.29 -12.70
C LEU A 94 -13.72 -12.90 -12.09
N ALA A 95 -12.77 -12.65 -11.20
CA ALA A 95 -12.69 -11.36 -10.52
C ALA A 95 -11.27 -11.00 -10.12
N ILE A 96 -11.00 -9.70 -10.10
CA ILE A 96 -9.72 -9.18 -9.64
C ILE A 96 -9.92 -8.50 -8.29
N VAL A 97 -9.08 -8.85 -7.32
CA VAL A 97 -9.19 -8.27 -5.98
C VAL A 97 -8.02 -7.35 -5.66
N THR A 98 -8.34 -6.10 -5.32
CA THR A 98 -7.32 -5.12 -4.93
C THR A 98 -7.68 -4.44 -3.63
N GLN A 99 -6.78 -3.56 -3.18
CA GLN A 99 -7.05 -2.73 -2.00
C GLN A 99 -8.19 -1.78 -2.30
N TRP A 100 -8.83 -1.29 -1.25
CA TRP A 100 -9.86 -0.28 -1.41
C TRP A 100 -9.27 1.11 -1.22
N CYS A 101 -9.62 2.03 -2.11
CA CYS A 101 -9.10 3.38 -2.05
C CYS A 101 -10.14 4.38 -1.54
N GLU A 102 -9.81 5.05 -0.45
CA GLU A 102 -10.67 6.11 0.08
C GLU A 102 -10.45 7.39 -0.75
N GLY A 103 -11.56 7.99 -1.18
CA GLY A 103 -11.50 9.21 -1.97
C GLY A 103 -11.78 8.94 -3.43
N SER A 104 -11.76 9.99 -4.25
CA SER A 104 -12.04 9.84 -5.67
C SER A 104 -10.79 9.89 -6.55
N SER A 105 -10.99 9.97 -7.86
CA SER A 105 -9.90 9.92 -8.82
C SER A 105 -9.34 11.31 -9.09
N LEU A 106 -8.18 11.36 -9.72
CA LEU A 106 -7.55 12.62 -10.11
C LEU A 106 -8.43 13.37 -11.10
N TYR A 107 -9.19 12.62 -11.89
CA TYR A 107 -10.14 13.20 -12.84
C TYR A 107 -11.21 13.98 -12.08
N HIS A 108 -11.81 13.34 -11.08
CA HIS A 108 -12.87 13.94 -10.29
C HIS A 108 -12.38 15.17 -9.52
N HIS A 109 -11.15 15.10 -9.02
CA HIS A 109 -10.56 16.22 -8.31
C HIS A 109 -10.32 17.41 -9.24
N LEU A 110 -9.84 17.13 -10.45
CA LEU A 110 -9.48 18.16 -11.42
C LEU A 110 -10.66 18.74 -12.20
N HIS A 111 -11.62 17.89 -12.54
CA HIS A 111 -12.69 18.28 -13.47
C HIS A 111 -14.10 18.13 -12.91
N ALA A 112 -14.21 17.87 -11.60
CA ALA A 112 -15.53 17.66 -11.01
C ALA A 112 -15.62 18.32 -9.63
N SER A 113 -14.88 17.79 -8.67
CA SER A 113 -14.83 18.34 -7.33
C SER A 113 -14.31 19.78 -7.31
N GLU A 114 -13.48 20.12 -8.30
CA GLU A 114 -12.86 21.43 -8.40
C GLU A 114 -11.95 21.75 -7.22
N THR A 115 -11.57 20.72 -6.47
CA THR A 115 -10.71 20.87 -5.30
C THR A 115 -9.44 21.65 -5.61
N LYS A 116 -9.26 22.78 -4.95
CA LYS A 116 -8.09 23.62 -5.17
C LYS A 116 -6.83 23.00 -4.55
N PHE A 117 -5.95 22.50 -5.41
CA PHE A 117 -4.66 22.03 -4.98
C PHE A 117 -3.64 23.15 -5.10
N GLU A 118 -2.86 23.33 -4.04
CA GLU A 118 -1.71 24.22 -4.13
C GLU A 118 -0.77 23.61 -5.16
N MET A 119 0.04 24.45 -5.80
CA MET A 119 0.99 23.97 -6.79
C MET A 119 1.90 22.91 -6.16
N LYS A 120 2.10 23.04 -4.85
CA LYS A 120 2.91 22.11 -4.07
C LYS A 120 2.45 20.67 -4.22
N LYS A 121 1.14 20.45 -4.07
CA LYS A 121 0.57 19.10 -4.15
C LYS A 121 0.54 18.58 -5.58
N LEU A 122 0.20 19.45 -6.52
CA LEU A 122 0.12 19.07 -7.94
C LEU A 122 1.40 18.41 -8.43
N ILE A 123 2.54 18.98 -8.07
CA ILE A 123 3.82 18.42 -8.45
C ILE A 123 4.04 17.06 -7.80
N ASP A 124 3.62 16.93 -6.54
CA ASP A 124 3.77 15.68 -5.82
C ASP A 124 2.93 14.57 -6.44
N ILE A 125 1.71 14.89 -6.82
CA ILE A 125 0.85 13.97 -7.55
C ILE A 125 1.52 13.56 -8.85
N ALA A 126 2.08 14.54 -9.55
CA ALA A 126 2.83 14.28 -10.77
C ALA A 126 4.07 13.47 -10.49
N ARG A 127 4.71 13.76 -9.36
CA ARG A 127 5.91 13.05 -8.92
C ARG A 127 5.62 11.58 -8.64
N GLN A 128 4.56 11.33 -7.88
CA GLN A 128 4.17 9.96 -7.54
C GLN A 128 3.81 9.15 -8.77
N THR A 129 3.10 9.78 -9.69
CA THR A 129 2.69 9.11 -10.93
C THR A 129 3.92 8.74 -11.76
N ALA A 130 4.93 9.60 -11.71
CA ALA A 130 6.19 9.33 -12.40
C ALA A 130 6.89 8.14 -11.77
N ARG A 131 6.83 8.05 -10.44
CA ARG A 131 7.39 6.92 -9.70
C ARG A 131 6.70 5.62 -10.10
N GLY A 132 5.38 5.65 -10.11
CA GLY A 132 4.59 4.47 -10.46
C GLY A 132 4.84 4.03 -11.89
N MET A 133 4.89 4.98 -12.80
CA MET A 133 5.11 4.66 -14.21
C MET A 133 6.54 4.22 -14.50
N ASP A 134 7.50 4.81 -13.79
CA ASP A 134 8.89 4.39 -13.91
C ASP A 134 9.03 2.94 -13.47
N TYR A 135 8.40 2.62 -12.33
CA TYR A 135 8.41 1.27 -11.79
C TYR A 135 7.82 0.26 -12.78
N LEU A 136 6.69 0.61 -13.37
CA LEU A 136 6.04 -0.27 -14.35
C LEU A 136 6.95 -0.53 -15.55
N HIS A 137 7.53 0.54 -16.09
CA HIS A 137 8.43 0.41 -17.23
C HIS A 137 9.71 -0.33 -16.87
N ALA A 138 10.11 -0.23 -15.60
CA ALA A 138 11.27 -0.98 -15.10
C ALA A 138 10.94 -2.47 -15.10
N LYS A 139 9.68 -2.79 -14.82
CA LYS A 139 9.19 -4.15 -14.91
C LYS A 139 8.80 -4.46 -16.35
N SER A 140 9.14 -3.53 -17.25
CA SER A 140 8.81 -3.63 -18.67
C SER A 140 7.30 -3.83 -18.90
N ILE A 141 6.51 -3.12 -18.12
CA ILE A 141 5.05 -3.16 -18.24
C ILE A 141 4.54 -1.87 -18.89
N ILE A 142 3.76 -2.03 -19.97
CA ILE A 142 3.13 -0.91 -20.64
C ILE A 142 1.67 -0.79 -20.20
N HIS A 143 1.32 0.35 -19.61
CA HIS A 143 -0.04 0.60 -19.11
C HIS A 143 -1.10 0.55 -20.20
N ARG A 144 -0.79 1.17 -21.35
CA ARG A 144 -1.69 1.25 -22.50
C ARG A 144 -2.92 2.14 -22.32
N ASP A 145 -3.12 2.69 -21.13
CA ASP A 145 -4.30 3.51 -20.86
C ASP A 145 -4.13 4.32 -19.59
N LEU A 146 -3.17 5.23 -19.58
CA LEU A 146 -2.98 6.11 -18.44
C LEU A 146 -3.81 7.38 -18.60
N LYS A 147 -4.78 7.55 -17.71
CA LYS A 147 -5.60 8.76 -17.69
C LYS A 147 -5.94 9.15 -16.26
N SER A 148 -6.44 10.35 -16.06
CA SER A 148 -6.68 10.90 -14.72
C SER A 148 -7.74 10.15 -13.92
N ASN A 149 -8.49 9.26 -14.56
CA ASN A 149 -9.46 8.45 -13.85
C ASN A 149 -9.00 7.00 -13.63
N ASN A 150 -7.76 6.73 -14.03
CA ASN A 150 -7.10 5.49 -13.66
C ASN A 150 -6.07 5.77 -12.56
N ILE A 151 -6.08 7.02 -12.11
CA ILE A 151 -5.20 7.47 -11.04
C ILE A 151 -6.04 7.87 -9.83
N PHE A 152 -6.00 7.06 -8.79
CA PHE A 152 -6.83 7.28 -7.61
C PHE A 152 -6.03 7.90 -6.47
N LEU A 153 -6.54 9.00 -5.93
CA LEU A 153 -5.90 9.64 -4.78
C LEU A 153 -6.39 9.04 -3.47
N HIS A 154 -5.76 7.95 -3.06
CA HIS A 154 -6.06 7.30 -1.80
C HIS A 154 -5.71 8.24 -0.64
N GLU A 155 -6.66 8.42 0.27
CA GLU A 155 -6.50 9.34 1.40
C GLU A 155 -6.28 10.77 0.91
N ASP A 156 -6.59 11.01 -0.36
CA ASP A 156 -6.35 12.30 -1.01
C ASP A 156 -4.87 12.70 -1.02
N ASN A 157 -4.00 11.75 -0.70
CA ASN A 157 -2.57 12.01 -0.63
C ASN A 157 -1.76 11.08 -1.52
N THR A 158 -2.05 9.78 -1.43
CA THR A 158 -1.27 8.78 -2.14
C THR A 158 -1.86 8.43 -3.51
N VAL A 159 -1.02 8.57 -4.53
CA VAL A 159 -1.40 8.23 -5.90
C VAL A 159 -1.43 6.72 -6.12
N LYS A 160 -2.54 6.23 -6.67
CA LYS A 160 -2.67 4.82 -7.00
C LYS A 160 -3.01 4.66 -8.47
N ILE A 161 -2.06 4.13 -9.24
CA ILE A 161 -2.28 3.87 -10.66
C ILE A 161 -2.83 2.46 -10.84
N GLY A 162 -4.00 2.36 -11.46
CA GLY A 162 -4.63 1.07 -11.70
C GLY A 162 -5.17 0.95 -13.12
N ASP A 163 -5.90 -0.13 -13.35
CA ASP A 163 -6.57 -0.38 -14.63
C ASP A 163 -5.60 -0.48 -15.82
N PHE A 164 -4.54 -1.28 -15.66
CA PHE A 164 -3.59 -1.51 -16.74
C PHE A 164 -3.60 -2.97 -17.22
N GLY A 165 -4.25 -3.83 -16.45
CA GLY A 165 -4.33 -5.24 -16.80
C GLY A 165 -5.10 -5.49 -18.08
N SER A 183 -12.17 3.20 -28.67
CA SER A 183 -13.61 3.44 -28.63
C SER A 183 -14.03 4.12 -27.33
N GLY A 184 -13.06 4.72 -26.64
CA GLY A 184 -13.34 5.38 -25.38
C GLY A 184 -12.61 6.70 -25.23
N SER A 185 -11.70 6.77 -24.26
CA SER A 185 -10.97 7.98 -23.95
C SER A 185 -9.80 8.22 -24.90
N ILE A 186 -9.92 9.24 -25.74
CA ILE A 186 -8.93 9.52 -26.77
C ILE A 186 -8.00 10.68 -26.42
N LEU A 187 -8.37 11.45 -25.40
CA LEU A 187 -7.60 12.63 -25.01
C LEU A 187 -6.16 12.32 -24.59
N TRP A 188 -5.92 11.08 -24.18
CA TRP A 188 -4.60 10.67 -23.71
C TRP A 188 -3.86 9.84 -24.76
N MET A 189 -4.49 9.69 -25.93
CA MET A 189 -3.93 8.86 -27.01
C MET A 189 -2.91 9.60 -27.87
N ALA A 190 -1.74 8.99 -28.03
CA ALA A 190 -0.69 9.52 -28.88
C ALA A 190 -1.07 9.37 -30.35
N PRO A 191 -0.55 10.24 -31.22
CA PRO A 191 -0.84 10.20 -32.65
C PRO A 191 -0.55 8.86 -33.31
N GLU A 192 0.54 8.20 -32.92
CA GLU A 192 0.90 6.91 -33.49
C GLU A 192 -0.08 5.82 -33.04
N VAL A 193 -0.79 6.08 -31.94
CA VAL A 193 -1.80 5.16 -31.45
C VAL A 193 -3.10 5.34 -32.21
N ILE A 194 -3.45 6.59 -32.49
CA ILE A 194 -4.66 6.90 -33.25
C ILE A 194 -4.57 6.32 -34.66
N ARG A 195 -3.55 6.74 -35.40
CA ARG A 195 -3.33 6.28 -36.76
C ARG A 195 -2.74 4.88 -36.80
N ASN A 200 3.35 -2.37 -33.66
CA ASN A 200 3.81 -1.89 -32.35
C ASN A 200 3.42 -0.43 -32.09
N PRO A 201 2.11 -0.13 -32.07
CA PRO A 201 1.70 1.26 -31.82
C PRO A 201 1.72 1.59 -30.33
N TYR A 202 1.55 0.58 -29.48
CA TYR A 202 1.61 0.78 -28.03
C TYR A 202 3.02 0.50 -27.52
N SER A 203 3.63 1.53 -26.90
CA SER A 203 4.98 1.41 -26.40
C SER A 203 5.17 2.23 -25.13
N PHE A 204 6.41 2.28 -24.65
CA PHE A 204 6.74 3.06 -23.46
C PHE A 204 6.57 4.56 -23.73
N GLN A 205 6.82 4.97 -24.98
CA GLN A 205 6.71 6.37 -25.34
C GLN A 205 5.25 6.82 -25.44
N SER A 206 4.38 5.90 -25.87
CA SER A 206 2.95 6.19 -25.92
C SER A 206 2.39 6.38 -24.51
N ASP A 207 2.94 5.67 -23.54
CA ASP A 207 2.61 5.90 -22.15
C ASP A 207 3.08 7.28 -21.71
N VAL A 208 4.29 7.64 -22.13
CA VAL A 208 4.87 8.95 -21.84
C VAL A 208 3.96 10.08 -22.31
N TYR A 209 3.36 9.91 -23.49
CA TYR A 209 2.44 10.90 -24.03
C TYR A 209 1.22 11.07 -23.13
N ALA A 210 0.63 9.95 -22.71
CA ALA A 210 -0.52 9.97 -21.82
C ALA A 210 -0.19 10.73 -20.53
N PHE A 211 1.03 10.54 -20.05
CA PHE A 211 1.52 11.21 -18.86
C PHE A 211 1.61 12.72 -19.09
N GLY A 212 2.01 13.12 -20.30
CA GLY A 212 2.08 14.51 -20.66
C GLY A 212 0.72 15.18 -20.61
N ILE A 213 -0.30 14.45 -21.06
CA ILE A 213 -1.68 14.92 -21.00
C ILE A 213 -2.12 15.07 -19.55
N VAL A 214 -1.66 14.15 -18.70
CA VAL A 214 -1.95 14.21 -17.28
C VAL A 214 -1.31 15.45 -16.67
N LEU A 215 -0.05 15.68 -17.01
CA LEU A 215 0.66 16.90 -16.60
C LEU A 215 -0.11 18.13 -17.06
N TYR A 216 -0.70 18.06 -18.24
CA TYR A 216 -1.52 19.15 -18.77
C TYR A 216 -2.73 19.36 -17.88
N GLU A 217 -3.40 18.28 -17.51
CA GLU A 217 -4.58 18.36 -16.66
C GLU A 217 -4.26 18.99 -15.30
N LEU A 218 -3.10 18.65 -14.75
CA LEU A 218 -2.70 19.14 -13.43
C LEU A 218 -2.43 20.64 -13.40
N MET A 219 -1.79 21.14 -14.45
CA MET A 219 -1.40 22.55 -14.50
C MET A 219 -2.49 23.44 -15.09
N THR A 220 -3.17 22.95 -16.12
CA THR A 220 -4.23 23.71 -16.77
C THR A 220 -5.55 23.58 -16.02
N GLY A 221 -5.66 22.54 -15.19
CA GLY A 221 -6.87 22.31 -14.42
C GLY A 221 -8.05 21.90 -15.29
N GLN A 222 -7.77 21.48 -16.52
CA GLN A 222 -8.83 21.13 -17.46
C GLN A 222 -8.35 20.18 -18.56
N LEU A 223 -9.31 19.60 -19.27
CA LEU A 223 -9.00 18.68 -20.35
C LEU A 223 -8.54 19.43 -21.60
N PRO A 224 -7.63 18.82 -22.39
CA PRO A 224 -7.17 19.45 -23.62
C PRO A 224 -8.26 19.45 -24.68
N TYR A 225 -8.14 20.33 -25.67
CA TYR A 225 -9.12 20.43 -26.75
C TYR A 225 -10.53 20.64 -26.23
N SER A 226 -10.66 21.33 -25.10
CA SER A 226 -11.98 21.62 -24.55
C SER A 226 -12.70 22.60 -25.47
N ASN A 227 -11.92 23.45 -26.13
CA ASN A 227 -12.45 24.40 -27.10
C ASN A 227 -13.17 23.68 -28.23
N ILE A 228 -12.72 22.47 -28.54
CA ILE A 228 -13.30 21.68 -29.62
C ILE A 228 -14.08 20.47 -29.09
N ASN A 229 -15.40 20.50 -29.25
CA ASN A 229 -16.22 19.35 -28.83
C ASN A 229 -16.62 18.46 -29.99
N ASN A 230 -15.67 17.67 -30.48
CA ASN A 230 -15.91 16.78 -31.61
C ASN A 230 -14.87 15.66 -31.64
N ARG A 231 -15.24 14.47 -31.16
CA ARG A 231 -14.33 13.33 -31.14
C ARG A 231 -13.69 13.09 -32.49
N ASP A 232 -14.51 13.03 -33.54
CA ASP A 232 -14.03 12.74 -34.88
C ASP A 232 -13.02 13.79 -35.38
N GLN A 233 -13.22 15.03 -34.98
CA GLN A 233 -12.28 16.09 -35.34
C GLN A 233 -10.95 15.88 -34.63
N ILE A 234 -11.02 15.63 -33.32
CA ILE A 234 -9.83 15.42 -32.51
C ILE A 234 -9.08 14.16 -32.96
N ILE A 235 -9.82 13.11 -33.25
CA ILE A 235 -9.24 11.88 -33.77
C ILE A 235 -8.51 12.16 -35.09
N GLU A 236 -9.13 12.99 -35.93
CA GLU A 236 -8.56 13.35 -37.22
C GLU A 236 -7.38 14.31 -37.10
N MET A 237 -7.57 15.38 -36.33
CA MET A 237 -6.58 16.45 -36.27
C MET A 237 -5.33 16.09 -35.45
N VAL A 238 -5.51 15.39 -34.34
CA VAL A 238 -4.37 14.92 -33.55
C VAL A 238 -3.66 13.80 -34.29
N GLY A 239 -4.44 12.93 -34.93
CA GLY A 239 -3.90 11.81 -35.67
C GLY A 239 -2.98 12.23 -36.80
N ARG A 240 -3.35 13.29 -37.51
CA ARG A 240 -2.54 13.79 -38.63
C ARG A 240 -1.46 14.75 -38.14
N GLY A 241 -1.63 15.25 -36.92
CA GLY A 241 -0.60 16.06 -36.29
C GLY A 241 -0.77 17.55 -36.42
N SER A 242 -2.01 17.99 -36.63
CA SER A 242 -2.29 19.42 -36.77
C SER A 242 -2.91 20.01 -35.51
N LEU A 243 -3.24 19.16 -34.55
CA LEU A 243 -3.77 19.62 -33.28
C LEU A 243 -2.95 19.11 -32.09
N SER A 244 -2.69 20.00 -31.14
CA SER A 244 -1.96 19.65 -29.93
C SER A 244 -2.51 20.47 -28.78
N PRO A 245 -2.25 20.05 -27.53
CA PRO A 245 -2.77 20.78 -26.37
C PRO A 245 -2.32 22.24 -26.34
N ASP A 246 -3.21 23.11 -25.87
CA ASP A 246 -2.95 24.55 -25.79
C ASP A 246 -2.26 24.89 -24.48
N LEU A 247 -0.97 25.22 -24.56
CA LEU A 247 -0.16 25.48 -23.37
C LEU A 247 -0.33 26.90 -22.85
N SER A 248 -1.24 27.65 -23.44
CA SER A 248 -1.53 29.01 -22.99
C SER A 248 -2.47 28.97 -21.78
N LYS A 249 -2.96 27.78 -21.46
CA LYS A 249 -3.96 27.62 -20.41
C LYS A 249 -3.36 27.15 -19.08
N VAL A 250 -2.11 26.72 -19.10
CA VAL A 250 -1.42 26.38 -17.86
C VAL A 250 -1.24 27.66 -17.04
N ARG A 251 -1.32 27.53 -15.73
CA ARG A 251 -1.35 28.70 -14.85
C ARG A 251 0.04 29.25 -14.54
N SER A 252 0.07 30.50 -14.08
CA SER A 252 1.31 31.23 -13.86
C SER A 252 2.29 30.52 -12.94
N ASN A 253 1.76 29.97 -11.85
CA ASN A 253 2.59 29.26 -10.87
C ASN A 253 3.07 27.90 -11.37
N CYS A 254 3.64 27.87 -12.57
CA CYS A 254 4.11 26.61 -13.16
C CYS A 254 5.61 26.65 -13.41
N PRO A 255 6.35 25.73 -12.75
CA PRO A 255 7.79 25.59 -12.95
C PRO A 255 8.12 25.44 -14.43
N LYS A 256 8.97 26.32 -14.94
CA LYS A 256 9.30 26.33 -16.36
C LYS A 256 10.07 25.09 -16.80
N ARG A 257 10.50 24.28 -15.82
CA ARG A 257 11.12 22.99 -16.11
C ARG A 257 10.00 21.98 -16.35
N MET A 258 8.87 22.19 -15.68
CA MET A 258 7.72 21.29 -15.79
C MET A 258 7.00 21.50 -17.12
N LYS A 259 6.82 22.76 -17.50
CA LYS A 259 6.18 23.10 -18.77
C LYS A 259 7.08 22.61 -19.90
N ARG A 260 8.38 22.78 -19.72
CA ARG A 260 9.37 22.27 -20.66
C ARG A 260 9.32 20.75 -20.69
N LEU A 261 8.96 20.16 -19.56
CA LEU A 261 8.84 18.71 -19.43
C LEU A 261 7.57 18.20 -20.08
N MET A 262 6.50 18.97 -19.93
CA MET A 262 5.23 18.69 -20.61
C MET A 262 5.45 18.52 -22.11
N ALA A 263 6.07 19.54 -22.72
CA ALA A 263 6.28 19.55 -24.16
C ALA A 263 7.10 18.36 -24.64
N GLU A 264 8.02 17.91 -23.81
CA GLU A 264 8.85 16.76 -24.13
C GLU A 264 8.01 15.48 -24.21
N CYS A 265 7.02 15.37 -23.33
CA CYS A 265 6.15 14.20 -23.30
C CYS A 265 5.05 14.32 -24.35
N LEU A 266 4.64 15.55 -24.65
CA LEU A 266 3.57 15.79 -25.60
C LEU A 266 4.07 15.85 -27.04
N LYS A 267 5.34 15.47 -27.23
CA LYS A 267 5.94 15.43 -28.56
C LYS A 267 5.12 14.57 -29.52
N LYS A 268 4.78 15.14 -30.68
CA LYS A 268 4.02 14.42 -31.68
C LYS A 268 4.85 13.27 -32.23
N LYS A 269 6.17 13.47 -32.23
CA LYS A 269 7.09 12.44 -32.71
C LYS A 269 7.49 11.52 -31.56
N ARG A 270 7.24 10.22 -31.74
CA ARG A 270 7.46 9.21 -30.71
C ARG A 270 8.88 9.19 -30.14
N ASP A 271 9.88 9.31 -31.01
CA ASP A 271 11.28 9.17 -30.59
C ASP A 271 11.80 10.37 -29.81
N GLU A 272 11.16 11.52 -29.97
CA GLU A 272 11.61 12.75 -29.32
C GLU A 272 11.15 12.85 -27.88
N ARG A 273 10.62 11.75 -27.35
CA ARG A 273 10.09 11.74 -25.99
C ARG A 273 11.08 11.15 -24.99
N PRO A 274 11.20 11.79 -23.81
CA PRO A 274 12.08 11.33 -22.75
C PRO A 274 11.51 10.11 -22.04
N SER A 275 12.39 9.28 -21.48
CA SER A 275 11.96 8.09 -20.75
C SER A 275 11.58 8.44 -19.33
N PHE A 276 10.97 7.48 -18.63
CA PHE A 276 10.54 7.71 -17.24
C PHE A 276 11.64 7.85 -16.19
N PRO A 277 12.79 7.17 -16.36
CA PRO A 277 13.90 7.47 -15.43
C PRO A 277 14.28 8.94 -15.47
N ARG A 278 14.33 9.51 -16.67
CA ARG A 278 14.66 10.92 -16.83
C ARG A 278 13.47 11.81 -16.50
N ILE A 279 12.26 11.34 -16.83
CA ILE A 279 11.04 12.05 -16.47
C ILE A 279 10.96 12.23 -14.96
N LEU A 280 11.39 11.21 -14.23
CA LEU A 280 11.30 11.20 -12.78
C LEU A 280 12.44 11.97 -12.15
N ALA A 281 13.63 11.82 -12.74
CA ALA A 281 14.82 12.50 -12.25
C ALA A 281 14.62 14.01 -12.27
N GLU A 282 14.06 14.52 -13.37
CA GLU A 282 13.86 15.95 -13.53
C GLU A 282 12.80 16.51 -12.58
N ILE A 283 11.68 15.79 -12.44
CA ILE A 283 10.64 16.22 -11.50
C ILE A 283 11.16 16.19 -10.07
N GLU A 284 11.91 15.14 -9.75
CA GLU A 284 12.48 14.97 -8.41
C GLU A 284 13.39 16.14 -8.07
N GLU A 285 14.31 16.44 -8.99
CA GLU A 285 15.23 17.57 -8.83
C GLU A 285 14.45 18.88 -8.75
N LEU A 286 13.47 19.02 -9.64
CA LEU A 286 12.64 20.22 -9.70
C LEU A 286 11.87 20.43 -8.39
N ASP B 17 8.50 -13.59 -11.35
CA ASP B 17 8.45 -14.28 -10.06
C ASP B 17 9.81 -14.18 -9.37
N ASP B 18 10.55 -13.12 -9.67
CA ASP B 18 11.81 -12.84 -9.02
C ASP B 18 11.82 -11.45 -8.39
N TRP B 19 11.84 -11.42 -7.05
CA TRP B 19 11.89 -10.17 -6.33
C TRP B 19 13.33 -9.81 -5.99
N GLU B 20 14.26 -10.50 -6.64
CA GLU B 20 15.67 -10.12 -6.56
C GLU B 20 15.90 -8.83 -7.33
N ILE B 21 16.25 -7.79 -6.61
CA ILE B 21 16.62 -6.53 -7.24
C ILE B 21 18.12 -6.53 -7.50
N PRO B 22 18.52 -6.45 -8.77
CA PRO B 22 19.95 -6.39 -9.10
C PRO B 22 20.63 -5.25 -8.37
N ASP B 23 21.62 -5.56 -7.54
CA ASP B 23 22.30 -4.54 -6.75
C ASP B 23 23.01 -3.54 -7.66
N GLY B 24 22.99 -2.28 -7.25
CA GLY B 24 23.55 -1.21 -8.07
C GLY B 24 22.45 -0.32 -8.59
N GLN B 25 21.21 -0.77 -8.44
CA GLN B 25 20.06 0.02 -8.82
C GLN B 25 19.57 0.85 -7.64
N ILE B 26 20.12 0.56 -6.46
CA ILE B 26 19.66 1.18 -5.23
C ILE B 26 20.66 2.23 -4.71
N THR B 27 20.15 3.41 -4.38
CA THR B 27 20.96 4.48 -3.83
C THR B 27 20.69 4.61 -2.33
N VAL B 28 21.52 3.96 -1.53
CA VAL B 28 21.35 3.98 -0.08
C VAL B 28 21.68 5.34 0.52
N GLY B 29 20.92 5.74 1.54
CA GLY B 29 21.09 7.04 2.15
C GLY B 29 21.41 7.00 3.63
N GLN B 30 20.74 7.86 4.40
CA GLN B 30 21.01 7.99 5.83
C GLN B 30 20.63 6.74 6.62
N ARG B 31 21.36 6.49 7.71
CA ARG B 31 21.10 5.35 8.57
C ARG B 31 19.84 5.62 9.39
N ILE B 32 19.15 4.56 9.80
CA ILE B 32 17.94 4.70 10.59
C ILE B 32 18.06 3.97 11.93
N GLY B 33 18.58 2.75 11.90
CA GLY B 33 18.76 1.96 13.11
C GLY B 33 19.26 0.56 12.85
N VAL B 40 19.31 -0.29 9.28
CA VAL B 40 18.43 0.00 8.16
C VAL B 40 18.67 1.40 7.60
N TYR B 41 18.58 1.54 6.27
CA TYR B 41 18.82 2.82 5.63
C TYR B 41 17.61 3.29 4.84
N LYS B 42 17.50 4.61 4.66
CA LYS B 42 16.52 5.17 3.74
C LYS B 42 17.15 5.16 2.36
N GLY B 43 16.39 4.72 1.36
CA GLY B 43 16.93 4.55 0.03
C GLY B 43 16.17 5.22 -1.10
N LYS B 44 16.68 5.03 -2.32
CA LYS B 44 16.06 5.54 -3.54
C LYS B 44 16.16 4.50 -4.64
N TRP B 45 15.01 4.00 -5.08
CA TRP B 45 14.98 2.98 -6.10
C TRP B 45 14.12 3.42 -7.29
N HIS B 46 12.81 3.44 -7.08
CA HIS B 46 11.86 4.08 -7.99
C HIS B 46 11.01 5.02 -7.18
N GLY B 47 11.67 5.81 -6.33
CA GLY B 47 11.02 6.63 -5.33
C GLY B 47 11.65 6.30 -4.00
N ASP B 48 11.02 6.75 -2.91
CA ASP B 48 11.53 6.46 -1.57
C ASP B 48 11.33 4.99 -1.19
N VAL B 49 12.39 4.37 -0.67
CA VAL B 49 12.32 3.01 -0.16
C VAL B 49 13.00 2.91 1.20
N ALA B 50 12.76 1.80 1.89
CA ALA B 50 13.44 1.52 3.15
C ALA B 50 14.28 0.25 3.00
N VAL B 51 15.59 0.37 3.21
CA VAL B 51 16.50 -0.74 2.99
C VAL B 51 17.09 -1.30 4.29
N LYS B 52 17.16 -2.61 4.39
CA LYS B 52 17.82 -3.28 5.51
C LYS B 52 19.11 -3.93 5.02
N MET B 53 20.25 -3.41 5.48
CA MET B 53 21.54 -3.95 5.07
C MET B 53 22.19 -4.75 6.20
N LEU B 54 22.48 -6.02 5.92
CA LEU B 54 23.16 -6.88 6.88
C LEU B 54 24.67 -6.72 6.75
N ASN B 55 25.24 -5.88 7.60
CA ASN B 55 26.65 -5.53 7.55
C ASN B 55 27.56 -6.66 8.06
N VAL B 56 27.89 -7.60 7.18
CA VAL B 56 28.86 -8.64 7.49
C VAL B 56 29.80 -8.88 6.30
N THR B 57 30.99 -9.40 6.57
CA THR B 57 31.93 -9.77 5.50
C THR B 57 31.35 -10.90 4.64
N ALA B 58 31.02 -12.01 5.28
CA ALA B 58 30.41 -13.15 4.61
C ALA B 58 29.41 -13.83 5.55
N PRO B 59 28.13 -13.88 5.13
CA PRO B 59 27.01 -14.42 5.89
C PRO B 59 27.29 -15.83 6.43
N THR B 60 27.06 -16.06 7.72
CA THR B 60 27.22 -17.41 8.27
C THR B 60 26.03 -18.26 7.83
N PRO B 61 26.13 -19.60 7.94
CA PRO B 61 25.03 -20.49 7.59
C PRO B 61 23.74 -20.15 8.32
N GLN B 62 23.86 -19.62 9.55
CA GLN B 62 22.70 -19.12 10.28
C GLN B 62 22.18 -17.81 9.67
N GLN B 63 23.08 -16.94 9.22
CA GLN B 63 22.66 -15.68 8.59
C GLN B 63 21.89 -15.91 7.29
N LEU B 64 22.13 -17.05 6.64
CA LEU B 64 21.52 -17.31 5.34
C LEU B 64 20.05 -17.68 5.48
N GLN B 65 19.76 -18.68 6.30
CA GLN B 65 18.40 -19.15 6.51
C GLN B 65 17.49 -18.09 7.11
N ALA B 66 18.09 -17.17 7.87
CA ALA B 66 17.33 -16.07 8.45
C ALA B 66 16.82 -15.14 7.35
N PHE B 67 17.65 -14.97 6.33
CA PHE B 67 17.32 -14.09 5.20
C PHE B 67 16.23 -14.71 4.32
N LYS B 68 16.43 -15.97 3.94
CA LYS B 68 15.45 -16.68 3.12
C LYS B 68 14.09 -16.67 3.79
N ASN B 69 14.07 -17.00 5.08
CA ASN B 69 12.84 -17.11 5.83
C ASN B 69 12.04 -15.82 5.89
N GLU B 70 12.72 -14.70 6.15
CA GLU B 70 12.04 -13.42 6.18
C GLU B 70 11.54 -13.04 4.78
N VAL B 71 12.35 -13.30 3.77
CA VAL B 71 11.96 -13.06 2.39
C VAL B 71 10.79 -13.95 1.99
N GLY B 72 10.88 -15.23 2.35
CA GLY B 72 9.87 -16.21 2.00
C GLY B 72 8.50 -15.87 2.56
N VAL B 73 8.47 -15.31 3.77
CA VAL B 73 7.21 -14.97 4.42
C VAL B 73 6.73 -13.58 4.01
N LEU B 74 7.67 -12.68 3.70
CA LEU B 74 7.32 -11.34 3.24
C LEU B 74 6.68 -11.36 1.86
N ARG B 75 7.16 -12.23 0.99
CA ARG B 75 6.68 -12.27 -0.39
C ARG B 75 5.29 -12.91 -0.52
N LYS B 76 4.73 -13.34 0.61
CA LYS B 76 3.41 -13.93 0.61
C LYS B 76 2.37 -12.98 1.20
N THR B 77 2.78 -11.74 1.41
CA THR B 77 1.90 -10.73 1.99
C THR B 77 1.55 -9.63 0.99
N ARG B 78 0.26 -9.37 0.83
CA ARG B 78 -0.24 -8.29 -0.02
C ARG B 78 -1.46 -7.66 0.64
N HIS B 79 -1.21 -6.76 1.59
CA HIS B 79 -2.29 -6.17 2.37
C HIS B 79 -1.93 -4.73 2.73
N VAL B 80 -2.94 -3.88 2.85
CA VAL B 80 -2.73 -2.46 3.06
C VAL B 80 -2.18 -2.18 4.47
N ASN B 81 -2.47 -3.08 5.40
CA ASN B 81 -2.04 -2.90 6.79
C ASN B 81 -0.78 -3.67 7.14
N ILE B 82 -0.17 -4.29 6.13
CA ILE B 82 1.12 -4.95 6.30
C ILE B 82 2.17 -4.19 5.51
N LEU B 83 3.37 -4.03 6.10
CA LEU B 83 4.47 -3.33 5.45
C LEU B 83 4.71 -3.88 4.04
N LEU B 84 4.81 -2.99 3.07
CA LEU B 84 4.95 -3.42 1.67
C LEU B 84 6.37 -3.87 1.34
N PHE B 85 6.54 -5.18 1.20
CA PHE B 85 7.80 -5.76 0.76
C PHE B 85 7.97 -5.53 -0.74
N MET B 86 9.10 -4.95 -1.14
CA MET B 86 9.30 -4.57 -2.54
C MET B 86 10.36 -5.42 -3.26
N GLY B 87 11.27 -6.02 -2.50
CA GLY B 87 12.28 -6.88 -3.08
C GLY B 87 13.46 -7.14 -2.16
N TYR B 88 14.37 -8.00 -2.62
CA TYR B 88 15.57 -8.30 -1.85
C TYR B 88 16.84 -8.19 -2.71
N SER B 89 17.99 -8.22 -2.05
CA SER B 89 19.27 -8.18 -2.75
C SER B 89 20.29 -9.03 -2.01
N THR B 90 21.04 -9.81 -2.77
CA THR B 90 22.03 -10.72 -2.19
C THR B 90 23.42 -10.43 -2.75
N LEU B 94 23.30 -9.01 2.47
CA LEU B 94 21.91 -9.43 2.45
C LEU B 94 20.97 -8.28 2.75
N ALA B 95 20.08 -7.98 1.80
CA ALA B 95 19.21 -6.81 1.88
C ALA B 95 17.73 -7.11 1.64
N ILE B 96 16.87 -6.42 2.39
CA ILE B 96 15.43 -6.51 2.23
C ILE B 96 14.85 -5.12 1.98
N VAL B 97 14.30 -4.94 0.78
CA VAL B 97 13.73 -3.65 0.39
C VAL B 97 12.23 -3.60 0.64
N THR B 98 11.78 -2.57 1.36
CA THR B 98 10.35 -2.35 1.56
C THR B 98 10.01 -0.89 1.25
N GLN B 99 8.72 -0.57 1.33
CA GLN B 99 8.28 0.81 1.12
C GLN B 99 8.83 1.70 2.22
N TRP B 100 9.06 2.97 1.89
CA TRP B 100 9.43 3.95 2.90
C TRP B 100 8.20 4.44 3.63
N CYS B 101 8.26 4.43 4.96
CA CYS B 101 7.14 4.93 5.76
C CYS B 101 7.51 6.21 6.49
N GLU B 102 6.83 7.29 6.14
CA GLU B 102 7.05 8.56 6.81
C GLU B 102 6.12 8.68 8.01
N GLY B 103 6.65 9.20 9.11
CA GLY B 103 5.93 9.24 10.37
C GLY B 103 6.66 8.39 11.39
N SER B 104 6.09 8.25 12.57
CA SER B 104 6.72 7.46 13.63
C SER B 104 5.90 6.21 13.97
N SER B 105 6.48 5.33 14.78
CA SER B 105 5.79 4.11 15.19
C SER B 105 4.73 4.42 16.24
N LEU B 106 3.90 3.42 16.54
CA LEU B 106 2.85 3.58 17.53
C LEU B 106 3.45 3.81 18.92
N TYR B 107 4.63 3.24 19.14
CA TYR B 107 5.33 3.40 20.41
C TYR B 107 5.64 4.87 20.68
N HIS B 108 6.27 5.52 19.71
CA HIS B 108 6.62 6.93 19.81
C HIS B 108 5.41 7.79 20.14
N HIS B 109 4.35 7.63 19.34
CA HIS B 109 3.15 8.44 19.48
C HIS B 109 2.45 8.27 20.84
N LEU B 110 2.47 7.06 21.38
CA LEU B 110 1.79 6.78 22.65
C LEU B 110 2.63 7.16 23.85
N HIS B 111 3.92 6.83 23.81
CA HIS B 111 4.78 6.94 24.97
C HIS B 111 5.75 8.12 24.91
N ALA B 112 6.42 8.30 23.77
CA ALA B 112 7.42 9.35 23.63
C ALA B 112 6.94 10.53 22.81
N SER B 113 5.65 10.84 22.91
CA SER B 113 5.08 11.95 22.15
C SER B 113 4.23 12.88 23.02
N GLU B 114 4.17 14.14 22.62
CA GLU B 114 3.42 15.16 23.35
C GLU B 114 1.93 15.06 23.05
N THR B 115 1.59 14.64 21.84
CA THR B 115 0.22 14.65 21.38
C THR B 115 -0.45 13.29 21.52
N LYS B 116 -1.66 13.28 22.07
CA LYS B 116 -2.42 12.06 22.24
C LYS B 116 -3.44 11.88 21.12
N PHE B 117 -4.20 10.80 21.17
CA PHE B 117 -5.20 10.51 20.15
C PHE B 117 -6.61 10.48 20.73
N GLU B 118 -7.58 10.83 19.89
CA GLU B 118 -8.99 10.68 20.27
C GLU B 118 -9.37 9.20 20.20
N MET B 119 -10.51 8.86 20.77
CA MET B 119 -10.97 7.48 20.78
C MET B 119 -11.23 6.92 19.39
N LYS B 120 -11.92 7.71 18.56
CA LYS B 120 -12.22 7.30 17.18
C LYS B 120 -10.97 6.86 16.45
N LYS B 121 -9.85 7.53 16.73
CA LYS B 121 -8.57 7.18 16.12
C LYS B 121 -7.98 5.92 16.75
N LEU B 122 -8.05 5.83 18.07
CA LEU B 122 -7.54 4.68 18.81
C LEU B 122 -8.23 3.38 18.36
N ILE B 123 -9.55 3.43 18.26
CA ILE B 123 -10.32 2.29 17.79
C ILE B 123 -9.97 2.00 16.34
N ASP B 124 -9.66 3.05 15.59
CA ASP B 124 -9.28 2.91 14.19
C ASP B 124 -7.93 2.23 14.03
N ILE B 125 -6.99 2.60 14.90
CA ILE B 125 -5.66 1.97 14.92
C ILE B 125 -5.79 0.51 15.31
N ALA B 126 -6.69 0.22 16.24
CA ALA B 126 -6.93 -1.15 16.70
C ALA B 126 -7.55 -2.01 15.60
N ARG B 127 -8.45 -1.42 14.81
CA ARG B 127 -9.12 -2.12 13.74
C ARG B 127 -8.18 -2.51 12.60
N GLN B 128 -7.40 -1.54 12.13
CA GLN B 128 -6.45 -1.79 11.05
C GLN B 128 -5.43 -2.86 11.44
N THR B 129 -4.95 -2.79 12.68
CA THR B 129 -3.99 -3.76 13.17
C THR B 129 -4.64 -5.14 13.24
N ALA B 130 -5.91 -5.18 13.61
CA ALA B 130 -6.65 -6.43 13.67
C ALA B 130 -6.84 -7.01 12.26
N ARG B 131 -7.00 -6.14 11.28
CA ARG B 131 -7.13 -6.55 9.89
C ARG B 131 -5.85 -7.17 9.38
N GLY B 132 -4.73 -6.54 9.71
CA GLY B 132 -3.43 -7.05 9.32
C GLY B 132 -3.10 -8.37 10.00
N MET B 133 -3.35 -8.43 11.30
CA MET B 133 -3.12 -9.65 12.06
C MET B 133 -4.03 -10.77 11.60
N ASP B 134 -5.27 -10.44 11.26
CA ASP B 134 -6.21 -11.43 10.75
C ASP B 134 -5.75 -11.96 9.41
N TYR B 135 -5.20 -11.05 8.58
CA TYR B 135 -4.69 -11.42 7.28
C TYR B 135 -3.54 -12.40 7.40
N LEU B 136 -2.61 -12.11 8.31
CA LEU B 136 -1.43 -12.95 8.51
C LEU B 136 -1.80 -14.34 9.03
N HIS B 137 -2.68 -14.39 10.02
CA HIS B 137 -3.12 -15.67 10.59
C HIS B 137 -3.84 -16.53 9.55
N ALA B 138 -4.61 -15.89 8.68
CA ALA B 138 -5.32 -16.59 7.62
C ALA B 138 -4.34 -17.19 6.62
N LYS B 139 -3.11 -16.68 6.62
CA LYS B 139 -2.07 -17.15 5.72
C LYS B 139 -1.10 -18.07 6.46
N SER B 140 -1.51 -18.52 7.64
CA SER B 140 -0.69 -19.41 8.47
C SER B 140 0.65 -18.76 8.82
N ILE B 141 0.60 -17.49 9.21
CA ILE B 141 1.79 -16.74 9.55
C ILE B 141 1.71 -16.22 10.99
N ILE B 142 2.77 -16.45 11.75
CA ILE B 142 2.83 -15.97 13.13
C ILE B 142 3.90 -14.89 13.25
N HIS B 143 3.51 -13.69 13.64
CA HIS B 143 4.43 -12.56 13.73
C HIS B 143 5.49 -12.79 14.79
N ARG B 144 5.07 -13.33 15.94
CA ARG B 144 5.99 -13.70 17.01
C ARG B 144 6.76 -12.53 17.61
N ASP B 145 6.36 -11.31 17.26
CA ASP B 145 7.02 -10.12 17.78
C ASP B 145 6.17 -8.85 17.64
N LEU B 146 4.87 -8.99 17.87
CA LEU B 146 3.95 -7.87 17.77
C LEU B 146 4.10 -6.94 18.97
N LYS B 147 4.36 -5.66 18.69
CA LYS B 147 4.46 -4.65 19.74
C LYS B 147 4.26 -3.28 19.12
N SER B 148 3.96 -2.28 19.96
CA SER B 148 3.69 -0.93 19.48
C SER B 148 4.86 -0.32 18.72
N ASN B 149 6.06 -0.83 18.97
CA ASN B 149 7.25 -0.35 18.29
C ASN B 149 7.39 -0.95 16.88
N ASN B 150 6.67 -2.05 16.65
CA ASN B 150 6.66 -2.70 15.35
C ASN B 150 5.46 -2.26 14.50
N ILE B 151 4.68 -1.33 15.03
CA ILE B 151 3.54 -0.80 14.31
C ILE B 151 3.82 0.63 13.87
N PHE B 152 3.99 0.81 12.56
CA PHE B 152 4.32 2.11 12.01
C PHE B 152 3.06 2.87 11.59
N LEU B 153 2.87 4.05 12.15
CA LEU B 153 1.77 4.91 11.75
C LEU B 153 2.10 5.82 10.56
N HIS B 154 2.19 5.23 9.36
CA HIS B 154 2.34 5.96 8.10
C HIS B 154 1.32 7.08 8.01
N THR B 158 -2.71 5.33 8.62
CA THR B 158 -2.57 4.01 8.05
C THR B 158 -1.61 3.15 8.86
N VAL B 159 -2.14 2.12 9.50
CA VAL B 159 -1.34 1.18 10.28
C VAL B 159 -0.48 0.29 9.38
N LYS B 160 0.81 0.21 9.69
CA LYS B 160 1.73 -0.65 8.97
C LYS B 160 2.47 -1.58 9.93
N ILE B 161 2.20 -2.87 9.82
CA ILE B 161 2.85 -3.86 10.66
C ILE B 161 4.13 -4.38 10.01
N GLY B 162 5.25 -4.18 10.69
CA GLY B 162 6.54 -4.58 10.14
C GLY B 162 7.42 -5.30 11.14
N ASP B 163 8.71 -5.34 10.83
CA ASP B 163 9.70 -6.03 11.67
C ASP B 163 9.35 -7.49 11.90
N PHE B 164 9.10 -8.21 10.80
CA PHE B 164 8.79 -9.63 10.86
C PHE B 164 9.98 -10.42 11.39
N ALA B 167 9.53 -13.51 12.76
CA ALA B 167 8.28 -14.14 12.31
C ALA B 167 8.55 -15.43 11.54
N THR B 168 7.56 -16.32 11.52
CA THR B 168 7.68 -17.58 10.80
C THR B 168 6.33 -18.00 10.22
N GLU B 169 6.34 -19.04 9.40
CA GLU B 169 5.10 -19.61 8.86
C GLU B 169 5.15 -21.13 8.84
N GLY B 184 13.71 -6.39 25.97
CA GLY B 184 12.77 -5.28 25.86
C GLY B 184 11.38 -5.73 25.42
N SER B 185 11.33 -6.78 24.61
CA SER B 185 10.06 -7.29 24.10
C SER B 185 9.29 -8.09 25.14
N ILE B 186 9.79 -8.09 26.38
CA ILE B 186 9.23 -8.89 27.46
C ILE B 186 7.81 -8.48 27.83
N LEU B 187 7.51 -7.19 27.72
CA LEU B 187 6.20 -6.67 28.07
C LEU B 187 5.07 -7.25 27.21
N TRP B 188 5.40 -7.69 26.00
CA TRP B 188 4.38 -8.23 25.09
C TRP B 188 4.41 -9.74 25.00
N MET B 189 4.94 -10.39 26.04
CA MET B 189 5.06 -11.85 26.04
C MET B 189 3.96 -12.51 26.87
N ALA B 190 3.29 -13.48 26.27
CA ALA B 190 2.29 -14.28 26.97
C ALA B 190 2.98 -15.12 28.04
N PRO B 191 2.24 -15.47 29.11
CA PRO B 191 2.79 -16.27 30.21
C PRO B 191 3.52 -17.53 29.73
N GLU B 192 3.02 -18.15 28.66
CA GLU B 192 3.65 -19.36 28.15
C GLU B 192 4.87 -19.06 27.30
N VAL B 193 5.12 -17.78 27.04
CA VAL B 193 6.26 -17.36 26.21
C VAL B 193 7.45 -16.97 27.10
N ILE B 194 7.22 -16.91 28.41
CA ILE B 194 8.31 -16.62 29.34
C ILE B 194 8.50 -17.80 30.30
N ASN B 200 7.28 -25.49 21.73
CA ASN B 200 7.34 -24.12 21.22
C ASN B 200 6.20 -23.28 21.80
N PRO B 201 6.57 -22.20 22.51
CA PRO B 201 5.60 -21.27 23.12
C PRO B 201 4.81 -20.46 22.11
N TYR B 202 5.47 -19.96 21.07
CA TYR B 202 4.85 -19.08 20.09
C TYR B 202 3.75 -19.75 19.27
N SER B 203 2.62 -19.07 19.15
CA SER B 203 1.50 -19.53 18.33
C SER B 203 0.64 -18.35 17.91
N PHE B 204 -0.51 -18.65 17.31
CA PHE B 204 -1.51 -17.63 17.00
C PHE B 204 -1.99 -17.00 18.29
N GLN B 205 -2.05 -17.80 19.35
CA GLN B 205 -2.51 -17.34 20.65
C GLN B 205 -1.53 -16.36 21.28
N SER B 206 -0.25 -16.55 20.98
CA SER B 206 0.79 -15.65 21.48
C SER B 206 0.64 -14.27 20.84
N ASP B 207 0.36 -14.25 19.55
CA ASP B 207 0.10 -13.01 18.83
C ASP B 207 -1.16 -12.33 19.36
N VAL B 208 -2.15 -13.14 19.74
CA VAL B 208 -3.38 -12.62 20.30
C VAL B 208 -3.10 -11.89 21.62
N TYR B 209 -2.23 -12.47 22.43
CA TYR B 209 -1.85 -11.85 23.70
C TYR B 209 -1.10 -10.54 23.47
N ALA B 210 -0.09 -10.57 22.60
CA ALA B 210 0.67 -9.38 22.28
C ALA B 210 -0.25 -8.27 21.75
N PHE B 211 -1.24 -8.68 20.97
CA PHE B 211 -2.25 -7.76 20.48
C PHE B 211 -3.04 -7.13 21.62
N GLY B 212 -3.28 -7.93 22.66
CA GLY B 212 -3.98 -7.46 23.84
C GLY B 212 -3.24 -6.35 24.57
N ILE B 213 -1.91 -6.48 24.67
CA ILE B 213 -1.09 -5.45 25.31
C ILE B 213 -1.12 -4.16 24.49
N VAL B 214 -1.08 -4.30 23.17
CA VAL B 214 -1.17 -3.15 22.27
C VAL B 214 -2.48 -2.40 22.50
N LEU B 215 -3.57 -3.15 22.68
CA LEU B 215 -4.86 -2.57 23.02
C LEU B 215 -4.75 -1.78 24.32
N TYR B 216 -4.06 -2.39 25.29
CA TYR B 216 -3.85 -1.78 26.60
C TYR B 216 -3.09 -0.46 26.47
N GLU B 217 -2.08 -0.45 25.60
CA GLU B 217 -1.31 0.77 25.34
C GLU B 217 -2.22 1.85 24.76
N LEU B 218 -3.05 1.47 23.80
CA LEU B 218 -3.96 2.40 23.16
C LEU B 218 -4.99 2.98 24.14
N MET B 219 -5.59 2.12 24.95
CA MET B 219 -6.68 2.52 25.82
C MET B 219 -6.22 3.17 27.12
N THR B 220 -4.96 2.99 27.48
CA THR B 220 -4.42 3.59 28.70
C THR B 220 -3.37 4.65 28.40
N GLY B 221 -2.58 4.43 27.36
CA GLY B 221 -1.51 5.36 27.02
C GLY B 221 -0.19 4.93 27.65
N GLN B 222 -0.29 4.10 28.68
CA GLN B 222 0.88 3.67 29.44
C GLN B 222 1.27 2.23 29.10
N LEU B 223 2.48 1.85 29.49
CA LEU B 223 2.93 0.48 29.36
C LEU B 223 2.45 -0.32 30.56
N PRO B 224 2.29 -1.64 30.39
CA PRO B 224 1.83 -2.46 31.52
C PRO B 224 2.86 -2.52 32.63
N TYR B 225 2.39 -2.73 33.86
CA TYR B 225 3.28 -2.92 35.01
C TYR B 225 4.16 -1.70 35.26
N SER B 226 3.53 -0.55 35.48
CA SER B 226 4.27 0.69 35.73
C SER B 226 4.95 0.68 37.09
N ASN B 227 4.49 -0.20 37.97
CA ASN B 227 5.03 -0.27 39.33
C ASN B 227 6.25 -1.18 39.43
N ILE B 228 6.77 -1.62 38.29
CA ILE B 228 7.91 -2.53 38.28
C ILE B 228 9.05 -2.01 37.40
N ASN B 229 10.26 -2.00 37.96
CA ASN B 229 11.44 -1.58 37.22
C ASN B 229 12.47 -2.71 37.09
N ASN B 230 12.14 -3.86 37.68
CA ASN B 230 12.99 -5.05 37.56
C ASN B 230 12.35 -6.08 36.64
N ARG B 231 13.09 -6.45 35.60
CA ARG B 231 12.57 -7.36 34.58
C ARG B 231 12.37 -8.79 35.09
N ASP B 232 13.24 -9.22 35.99
CA ASP B 232 13.24 -10.61 36.46
C ASP B 232 11.96 -11.01 37.18
N GLN B 233 11.32 -10.07 37.86
CA GLN B 233 10.08 -10.37 38.58
C GLN B 233 8.86 -10.41 37.66
N ILE B 234 8.79 -9.49 36.71
CA ILE B 234 7.75 -9.53 35.68
C ILE B 234 7.77 -10.89 35.00
N ILE B 235 8.96 -11.33 34.63
CA ILE B 235 9.18 -12.66 34.07
C ILE B 235 8.64 -13.73 34.99
N GLU B 236 8.87 -13.55 36.29
CA GLU B 236 8.41 -14.52 37.28
C GLU B 236 6.92 -14.39 37.56
N MET B 237 6.48 -13.17 37.86
CA MET B 237 5.08 -12.93 38.23
C MET B 237 4.10 -13.23 37.09
N VAL B 238 4.41 -12.72 35.90
CA VAL B 238 3.58 -13.01 34.72
C VAL B 238 3.72 -14.47 34.34
N GLY B 239 4.95 -14.97 34.36
CA GLY B 239 5.23 -16.36 34.04
C GLY B 239 4.49 -17.34 34.92
N ARG B 240 4.43 -17.07 36.22
CA ARG B 240 3.68 -17.92 37.14
C ARG B 240 2.18 -17.78 36.88
N GLY B 241 1.72 -16.54 36.76
CA GLY B 241 0.30 -16.27 36.56
C GLY B 241 -0.27 -15.45 37.69
N SER B 242 0.57 -14.61 38.30
CA SER B 242 0.16 -13.79 39.42
C SER B 242 0.12 -12.31 39.04
N LEU B 243 0.57 -12.00 37.83
CA LEU B 243 0.62 -10.62 37.37
C LEU B 243 -0.16 -10.43 36.07
N SER B 244 -0.89 -9.33 36.00
CA SER B 244 -1.70 -9.00 34.84
C SER B 244 -1.86 -7.49 34.72
N PRO B 245 -1.99 -6.98 33.48
CA PRO B 245 -2.16 -5.55 33.24
C PRO B 245 -3.35 -4.97 34.03
N ASP B 246 -3.24 -3.69 34.38
CA ASP B 246 -4.27 -3.04 35.18
C ASP B 246 -5.34 -2.39 34.29
N LEU B 247 -6.45 -3.09 34.11
CA LEU B 247 -7.53 -2.59 33.27
C LEU B 247 -8.37 -1.52 33.94
N SER B 248 -7.98 -1.14 35.15
CA SER B 248 -8.64 -0.03 35.83
C SER B 248 -8.01 1.27 35.36
N LYS B 249 -6.90 1.15 34.64
CA LYS B 249 -6.18 2.32 34.13
C LYS B 249 -6.76 2.84 32.83
N VAL B 250 -7.63 2.06 32.19
CA VAL B 250 -8.20 2.44 30.90
C VAL B 250 -8.99 3.75 31.00
N ARG B 251 -9.01 4.51 29.90
CA ARG B 251 -9.71 5.80 29.88
C ARG B 251 -11.21 5.63 30.09
N SER B 252 -11.85 6.69 30.56
CA SER B 252 -13.29 6.69 30.78
C SER B 252 -14.01 6.57 29.44
N ASN B 253 -13.36 7.03 28.39
CA ASN B 253 -13.94 7.03 27.06
C ASN B 253 -14.00 5.63 26.45
N CYS B 254 -13.14 4.74 26.95
CA CYS B 254 -13.05 3.38 26.45
C CYS B 254 -14.37 2.64 26.56
N PRO B 255 -14.92 2.19 25.42
CA PRO B 255 -16.16 1.41 25.40
C PRO B 255 -15.97 0.14 26.20
N LYS B 256 -16.97 -0.23 27.01
CA LYS B 256 -16.89 -1.45 27.81
C LYS B 256 -16.62 -2.65 26.91
N ARG B 257 -17.06 -2.55 25.66
CA ARG B 257 -16.83 -3.59 24.66
C ARG B 257 -15.34 -3.83 24.42
N MET B 258 -14.60 -2.75 24.24
CA MET B 258 -13.16 -2.85 23.98
C MET B 258 -12.43 -3.38 25.20
N LYS B 259 -12.84 -2.91 26.38
CA LYS B 259 -12.24 -3.32 27.64
C LYS B 259 -12.48 -4.81 27.90
N ARG B 260 -13.60 -5.32 27.41
CA ARG B 260 -13.93 -6.74 27.51
C ARG B 260 -13.05 -7.56 26.59
N LEU B 261 -12.99 -7.13 25.33
CA LEU B 261 -12.18 -7.78 24.31
C LEU B 261 -10.73 -7.87 24.76
N MET B 262 -10.26 -6.79 25.37
CA MET B 262 -8.89 -6.70 25.87
C MET B 262 -8.58 -7.82 26.85
N ALA B 263 -9.47 -8.01 27.81
CA ALA B 263 -9.29 -9.04 28.83
C ALA B 263 -9.27 -10.44 28.23
N GLU B 264 -9.99 -10.61 27.13
CA GLU B 264 -10.04 -11.89 26.44
C GLU B 264 -8.70 -12.22 25.78
N CYS B 265 -8.10 -11.22 25.14
CA CYS B 265 -6.82 -11.39 24.50
C CYS B 265 -5.69 -11.59 25.52
N LEU B 266 -5.92 -11.14 26.74
CA LEU B 266 -4.91 -11.20 27.78
C LEU B 266 -5.11 -12.38 28.73
N LYS B 267 -5.96 -13.34 28.33
CA LYS B 267 -6.25 -14.50 29.16
C LYS B 267 -4.98 -15.25 29.56
N LYS B 268 -4.91 -15.67 30.82
CA LYS B 268 -3.75 -16.36 31.35
C LYS B 268 -3.52 -17.68 30.61
N LYS B 269 -4.59 -18.45 30.43
CA LYS B 269 -4.52 -19.68 29.66
C LYS B 269 -4.61 -19.38 28.17
N ARG B 270 -3.68 -19.94 27.40
CA ARG B 270 -3.55 -19.63 25.98
C ARG B 270 -4.77 -19.98 25.14
N ASP B 271 -5.58 -20.93 25.61
CA ASP B 271 -6.70 -21.45 24.82
C ASP B 271 -8.02 -20.71 25.02
N GLU B 272 -8.08 -19.84 26.02
CA GLU B 272 -9.29 -19.05 26.26
C GLU B 272 -9.26 -17.73 25.50
N ARG B 273 -8.16 -17.51 24.77
CA ARG B 273 -8.00 -16.30 23.98
C ARG B 273 -8.72 -16.44 22.63
N PRO B 274 -9.33 -15.36 22.16
CA PRO B 274 -10.11 -15.37 20.91
C PRO B 274 -9.23 -15.54 19.68
N SER B 275 -9.85 -15.60 18.51
CA SER B 275 -9.13 -15.58 17.25
C SER B 275 -9.42 -14.27 16.52
N PHE B 276 -8.47 -13.83 15.70
CA PHE B 276 -8.62 -12.56 14.99
C PHE B 276 -9.88 -12.40 14.12
N PRO B 277 -10.42 -13.50 13.55
CA PRO B 277 -11.72 -13.34 12.91
C PRO B 277 -12.77 -12.79 13.88
N ARG B 278 -12.78 -13.27 15.11
CA ARG B 278 -13.72 -12.77 16.11
C ARG B 278 -13.23 -11.43 16.68
N ILE B 279 -11.92 -11.29 16.80
CA ILE B 279 -11.34 -10.03 17.29
C ILE B 279 -11.67 -8.88 16.34
N LEU B 280 -11.51 -9.13 15.04
CA LEU B 280 -11.84 -8.11 14.04
C LEU B 280 -13.34 -7.85 13.99
N ALA B 281 -14.13 -8.90 14.15
CA ALA B 281 -15.59 -8.79 14.14
C ALA B 281 -16.06 -7.84 15.23
N GLU B 282 -15.57 -8.07 16.45
CA GLU B 282 -15.95 -7.23 17.58
C GLU B 282 -15.51 -5.78 17.45
N ILE B 283 -14.26 -5.58 17.03
CA ILE B 283 -13.73 -4.23 16.84
C ILE B 283 -14.49 -3.52 15.71
N GLU B 284 -14.74 -4.24 14.62
CA GLU B 284 -15.44 -3.68 13.47
C GLU B 284 -16.86 -3.28 13.86
N GLU B 285 -17.51 -4.12 14.66
CA GLU B 285 -18.86 -3.86 15.12
C GLU B 285 -19.00 -2.55 15.86
N LEU B 286 -18.34 -2.46 17.01
CA LEU B 286 -18.49 -1.30 17.89
C LEU B 286 -18.05 0.00 17.22
N ALA B 287 -17.13 -0.10 16.27
CA ALA B 287 -16.65 1.06 15.54
C ALA B 287 -17.76 1.73 14.74
C1 P02 C . -3.18 -3.72 -10.05
C5 P02 C . -5.22 -5.39 -10.71
C9 P02 C . -4.25 -3.15 -10.96
O12 P02 C . -5.77 -3.31 -13.92
O13 P02 C . -7.32 -4.82 -12.67
N14 P02 C . -4.97 -4.27 -11.65
S15 P02 C . -6.30 -3.78 -12.66
N16 P02 C . -12.46 2.76 -5.29
C19 P02 C . -11.66 1.85 -5.97
N20 P02 C . -11.83 1.70 -7.31
C21 P02 C . -11.04 0.80 -7.95
C22 P02 C . -11.25 0.68 -9.39
C23 P02 C . -10.85 -0.24 -10.35
C24 P02 C . -10.05 -1.44 -10.23
C25 P02 C . -10.43 -2.57 -9.51
C27 P02 C . -9.58 -3.68 -9.50
C29 P02 C . -8.37 -3.67 -10.21
C31 P02 C . -8.02 -2.53 -10.94
N32 P02 C . -6.80 -2.42 -11.70
C34 P02 C . -8.87 -1.43 -10.95
F35 P02 C . -8.51 -0.35 -11.65
N36 P02 C . -11.23 0.01 -11.64
C37 P02 C . -11.95 1.09 -11.73
C38 P02 C . -12.49 1.58 -13.07
C39 P02 C . -14.00 1.32 -13.21
C43 P02 C . -11.76 0.81 -14.19
C47 P02 C . -12.15 3.08 -13.24
S51 P02 C . -12.17 1.90 -10.22
C52 P02 C . -10.08 0.07 -7.29
C54 P02 C . -9.97 0.29 -5.95
N56 P02 C . -10.74 1.17 -5.26
#